data_4LUJ
#
_entry.id   4LUJ
#
_cell.length_a   47.811
_cell.length_b   47.567
_cell.length_c   85.714
_cell.angle_alpha   90.00
_cell.angle_beta   90.02
_cell.angle_gamma   90.00
#
_symmetry.space_group_name_H-M   'P 1 21 1'
#
loop_
_entity.id
_entity.type
_entity.pdbx_description
1 polymer "Orotidine 5'-phosphate decarboxylase"
2 non-polymer "6-HYDROXYURIDINE-5'-PHOSPHATE"
3 water water
#
_entity_poly.entity_id   1
_entity_poly.type   'polypeptide(L)'
_entity_poly.pdbx_seq_one_letter_code
;MGSSHHHHHHSSGLVPRGSHMPKLMLALDVLDRDRALKIVEDVKDYVDAIKVGYPLVLSTGTEIIKEIKKLCNKEVIADF
KVADIPATNEKIAKITLKYADGIIVHGFVGEDSVKAVQDVAKKLNKKVIMVTEMSHPGAVQFLQPIADKLSEMAKKLKVD
AIVAPSTRPERLKEIKEIAELPVITPGVGAQGGKIEDILNILDENDYVIVGRAIYQSQNPKEEAKKYKEMLNK
;
_entity_poly.pdbx_strand_id   A,B
#
loop_
_chem_comp.id
_chem_comp.type
_chem_comp.name
_chem_comp.formula
BMP RNA linking 6-HYDROXYURIDINE-5'-PHOSPHATE 'C9 H13 N2 O10 P'
#
# COMPACT_ATOMS: atom_id res chain seq x y z
N HIS A 20 1.38 -18.97 26.96
CA HIS A 20 0.61 -17.89 27.59
C HIS A 20 1.39 -16.58 27.66
N MET A 21 2.40 -16.45 26.81
CA MET A 21 3.19 -15.23 26.69
C MET A 21 2.87 -14.56 25.35
N PRO A 22 3.20 -13.27 25.20
CA PRO A 22 3.10 -12.63 23.88
C PRO A 22 3.89 -13.44 22.85
N LYS A 23 3.42 -13.44 21.61
CA LYS A 23 4.04 -14.23 20.56
C LYS A 23 4.99 -13.39 19.70
N LEU A 24 5.82 -14.08 18.91
CA LEU A 24 6.85 -13.43 18.11
C LEU A 24 6.52 -13.57 16.63
N MET A 25 6.46 -12.45 15.91
CA MET A 25 6.15 -12.47 14.48
C MET A 25 7.36 -11.92 13.73
N LEU A 26 7.95 -12.76 12.88
CA LEU A 26 9.10 -12.34 12.09
C LEU A 26 8.63 -11.49 10.91
N ALA A 27 9.19 -10.30 10.78
CA ALA A 27 8.99 -9.47 9.59
C ALA A 27 10.06 -9.81 8.57
N LEU A 28 9.70 -10.61 7.57
CA LEU A 28 10.67 -11.17 6.65
C LEU A 28 10.83 -10.26 5.44
N ASP A 29 11.56 -9.16 5.64
CA ASP A 29 11.73 -8.15 4.61
C ASP A 29 13.09 -8.24 3.92
N VAL A 30 13.49 -9.46 3.59
CA VAL A 30 14.66 -9.67 2.74
C VAL A 30 14.20 -9.70 1.28
N LEU A 31 15.17 -9.65 0.35
CA LEU A 31 14.87 -9.38 -1.06
C LEU A 31 15.18 -10.57 -1.95
N ASP A 32 15.64 -11.66 -1.34
CA ASP A 32 16.08 -12.83 -2.08
C ASP A 32 15.35 -14.07 -1.57
N ARG A 33 14.83 -14.87 -2.50
CA ARG A 33 14.09 -16.08 -2.13
C ARG A 33 14.95 -17.06 -1.31
N ASP A 34 16.19 -17.28 -1.74
CA ASP A 34 17.08 -18.22 -1.05
C ASP A 34 17.36 -17.77 0.38
N ARG A 35 17.66 -16.50 0.54
CA ARG A 35 17.94 -15.93 1.85
C ARG A 35 16.70 -16.01 2.74
N ALA A 36 15.55 -15.79 2.13
CA ALA A 36 14.26 -15.80 2.84
C ALA A 36 13.95 -17.20 3.39
N LEU A 37 13.99 -18.20 2.50
CA LEU A 37 13.75 -19.57 2.90
C LEU A 37 14.77 -20.07 3.92
N LYS A 38 16.01 -19.61 3.80
CA LYS A 38 17.06 -20.00 4.72
C LYS A 38 16.77 -19.48 6.13
N ILE A 39 16.35 -18.22 6.20
CA ILE A 39 16.03 -17.58 7.48
C ILE A 39 14.83 -18.25 8.14
N VAL A 40 13.80 -18.53 7.35
CA VAL A 40 12.61 -19.21 7.85
C VAL A 40 12.99 -20.57 8.46
N GLU A 41 13.77 -21.37 7.73
CA GLU A 41 14.24 -22.65 8.23
C GLU A 41 15.00 -22.49 9.56
N ASP A 42 15.82 -21.44 9.64
CA ASP A 42 16.66 -21.23 10.82
C ASP A 42 15.90 -20.81 12.08
N VAL A 43 14.82 -20.06 11.89
CA VAL A 43 14.13 -19.44 13.02
C VAL A 43 12.81 -20.11 13.40
N LYS A 44 12.41 -21.14 12.66
CA LYS A 44 11.07 -21.71 12.81
C LYS A 44 10.70 -22.24 14.19
N ASP A 45 11.68 -22.69 14.97
CA ASP A 45 11.39 -23.21 16.31
C ASP A 45 11.11 -22.10 17.33
N TYR A 46 11.33 -20.85 16.94
CA TYR A 46 11.24 -19.72 17.87
C TYR A 46 10.25 -18.65 17.48
N VAL A 47 9.81 -18.70 16.24
CA VAL A 47 8.86 -17.72 15.74
C VAL A 47 7.45 -18.33 15.73
N ASP A 48 6.43 -17.49 15.92
CA ASP A 48 5.05 -17.96 15.99
C ASP A 48 4.22 -17.63 14.74
N ALA A 49 4.71 -16.70 13.95
CA ALA A 49 4.07 -16.32 12.69
C ALA A 49 5.08 -15.60 11.80
N ILE A 50 4.87 -15.63 10.48
CA ILE A 50 5.75 -14.93 9.57
C ILE A 50 4.96 -13.86 8.86
N LYS A 51 5.48 -12.63 8.88
CA LYS A 51 4.87 -11.53 8.14
C LYS A 51 5.67 -11.29 6.86
N VAL A 52 5.00 -11.42 5.72
CA VAL A 52 5.63 -11.28 4.43
C VAL A 52 5.08 -10.02 3.77
N GLY A 53 5.99 -9.16 3.30
CA GLY A 53 5.57 -7.89 2.72
C GLY A 53 5.93 -7.77 1.26
N TYR A 54 5.71 -6.58 0.71
CA TYR A 54 6.10 -6.32 -0.68
C TYR A 54 7.61 -6.37 -1.00
N PRO A 55 8.50 -6.04 -0.04
CA PRO A 55 9.92 -6.22 -0.39
C PRO A 55 10.25 -7.65 -0.81
N LEU A 56 9.72 -8.64 -0.10
CA LEU A 56 9.92 -10.03 -0.51
C LEU A 56 9.05 -10.39 -1.71
N VAL A 57 7.75 -10.08 -1.63
CA VAL A 57 6.82 -10.54 -2.68
C VAL A 57 7.08 -9.93 -4.06
N LEU A 58 7.45 -8.65 -4.12
CA LEU A 58 7.78 -8.06 -5.43
C LEU A 58 9.04 -8.67 -6.03
N SER A 59 9.90 -9.23 -5.16
CA SER A 59 11.13 -9.86 -5.59
C SER A 59 10.89 -11.29 -6.05
N THR A 60 9.96 -11.99 -5.40
CA THR A 60 9.82 -13.42 -5.61
C THR A 60 8.49 -13.86 -6.21
N GLY A 61 7.47 -13.02 -6.08
CA GLY A 61 6.12 -13.42 -6.49
C GLY A 61 5.36 -13.98 -5.29
N THR A 62 4.04 -14.06 -5.41
CA THR A 62 3.20 -14.52 -4.31
C THR A 62 3.44 -16.00 -3.95
N GLU A 63 4.06 -16.72 -4.88
CA GLU A 63 4.34 -18.14 -4.66
C GLU A 63 5.20 -18.39 -3.43
N ILE A 64 5.97 -17.39 -3.02
CA ILE A 64 6.83 -17.53 -1.85
C ILE A 64 6.01 -17.79 -0.59
N ILE A 65 4.77 -17.29 -0.57
CA ILE A 65 3.92 -17.44 0.60
C ILE A 65 3.59 -18.90 0.91
N LYS A 66 3.19 -19.66 -0.10
CA LYS A 66 2.92 -21.07 0.07
C LYS A 66 4.19 -21.84 0.44
N GLU A 67 5.32 -21.41 -0.13
CA GLU A 67 6.61 -22.04 0.17
C GLU A 67 7.01 -21.84 1.63
N ILE A 68 6.86 -20.61 2.12
CA ILE A 68 7.16 -20.29 3.50
C ILE A 68 6.33 -21.16 4.42
N LYS A 69 5.03 -21.17 4.14
CA LYS A 69 4.05 -21.86 4.95
C LYS A 69 4.34 -23.35 5.07
N LYS A 70 4.75 -23.97 3.97
CA LYS A 70 5.05 -25.39 3.95
C LYS A 70 6.34 -25.68 4.72
N LEU A 71 7.17 -24.67 4.85
CA LEU A 71 8.48 -24.81 5.47
C LEU A 71 8.42 -24.72 7.00
N CYS A 72 7.62 -23.79 7.52
CA CYS A 72 7.57 -23.56 8.95
C CYS A 72 6.25 -23.99 9.59
N ASN A 73 5.22 -24.23 8.76
CA ASN A 73 3.90 -24.64 9.26
C ASN A 73 3.32 -23.64 10.26
N LYS A 74 3.56 -22.36 10.04
CA LYS A 74 3.06 -21.30 10.90
C LYS A 74 2.15 -20.38 10.08
N GLU A 75 1.41 -19.52 10.78
CA GLU A 75 0.56 -18.52 10.13
C GLU A 75 1.43 -17.54 9.33
N VAL A 76 1.00 -17.23 8.11
CA VAL A 76 1.71 -16.27 7.29
C VAL A 76 0.77 -15.12 6.96
N ILE A 77 1.15 -13.92 7.36
CA ILE A 77 0.34 -12.74 7.14
C ILE A 77 0.96 -11.90 6.03
N ALA A 78 0.16 -11.50 5.05
CA ALA A 78 0.66 -10.64 3.97
C ALA A 78 0.52 -9.20 4.37
N ASP A 79 1.65 -8.53 4.62
CA ASP A 79 1.63 -7.15 5.02
C ASP A 79 1.69 -6.29 3.79
N PHE A 80 0.51 -6.07 3.20
CA PHE A 80 0.42 -5.36 1.93
C PHE A 80 -0.11 -3.94 2.11
N LYS A 81 -0.29 -3.51 3.37
CA LYS A 81 -0.69 -2.13 3.65
C LYS A 81 -1.79 -1.68 2.70
N VAL A 82 -2.83 -2.50 2.54
CA VAL A 82 -3.80 -2.27 1.49
C VAL A 82 -4.44 -0.90 1.69
N ALA A 83 -4.39 -0.06 0.66
CA ALA A 83 -4.71 1.35 0.84
C ALA A 83 -5.28 1.96 -0.44
N ASP A 84 -6.29 1.32 -1.00
CA ASP A 84 -6.84 1.83 -2.25
C ASP A 84 -8.36 1.95 -2.12
N ILE A 85 -9.02 2.23 -3.24
CA ILE A 85 -10.48 2.28 -3.26
C ILE A 85 -11.05 0.87 -3.05
N PRO A 86 -12.33 0.77 -2.64
CA PRO A 86 -12.88 -0.56 -2.37
C PRO A 86 -12.72 -1.56 -3.53
N ALA A 87 -12.96 -1.15 -4.76
CA ALA A 87 -12.93 -2.09 -5.89
C ALA A 87 -11.53 -2.67 -6.06
N THR A 88 -10.52 -1.82 -5.90
CA THR A 88 -9.13 -2.25 -6.04
C THR A 88 -8.71 -3.08 -4.83
N ASN A 89 -9.08 -2.62 -3.64
CA ASN A 89 -8.81 -3.39 -2.43
C ASN A 89 -9.36 -4.81 -2.53
N GLU A 90 -10.56 -4.95 -3.06
CA GLU A 90 -11.17 -6.26 -3.22
C GLU A 90 -10.33 -7.16 -4.13
N LYS A 91 -9.83 -6.61 -5.24
CA LYS A 91 -9.00 -7.39 -6.15
C LYS A 91 -7.71 -7.86 -5.48
N ILE A 92 -7.05 -6.95 -4.77
CA ILE A 92 -5.82 -7.25 -4.06
C ILE A 92 -6.06 -8.31 -2.99
N ALA A 93 -7.18 -8.18 -2.28
CA ALA A 93 -7.49 -9.14 -1.20
C ALA A 93 -7.73 -10.54 -1.74
N LYS A 94 -8.44 -10.64 -2.85
CA LYS A 94 -8.76 -11.94 -3.44
C LYS A 94 -7.51 -12.69 -3.86
N ILE A 95 -6.58 -11.97 -4.51
CA ILE A 95 -5.33 -12.57 -4.95
C ILE A 95 -4.48 -12.99 -3.75
N THR A 96 -4.38 -12.10 -2.78
CA THR A 96 -3.49 -12.26 -1.65
C THR A 96 -3.91 -13.42 -0.78
N LEU A 97 -5.21 -13.53 -0.56
CA LEU A 97 -5.73 -14.52 0.38
C LEU A 97 -5.92 -15.90 -0.22
N LYS A 98 -5.57 -16.07 -1.50
CA LYS A 98 -5.44 -17.40 -2.06
C LYS A 98 -4.27 -18.11 -1.37
N TYR A 99 -3.27 -17.33 -0.99
CA TYR A 99 -2.00 -17.85 -0.51
C TYR A 99 -1.80 -17.60 0.99
N ALA A 100 -2.08 -16.38 1.43
CA ALA A 100 -1.79 -15.98 2.81
C ALA A 100 -2.94 -16.33 3.78
N ASP A 101 -2.65 -16.30 5.08
CA ASP A 101 -3.64 -16.63 6.09
C ASP A 101 -4.39 -15.39 6.58
N GLY A 102 -3.86 -14.23 6.21
CA GLY A 102 -4.41 -12.97 6.63
C GLY A 102 -3.72 -11.84 5.90
N ILE A 103 -4.26 -10.64 6.03
CA ILE A 103 -3.80 -9.51 5.26
C ILE A 103 -3.91 -8.25 6.09
N ILE A 104 -2.94 -7.35 5.94
CA ILE A 104 -2.91 -6.09 6.66
C ILE A 104 -3.39 -4.97 5.75
N VAL A 105 -4.34 -4.19 6.26
CA VAL A 105 -4.97 -3.10 5.53
C VAL A 105 -4.85 -1.80 6.33
N HIS A 106 -4.71 -0.68 5.61
CA HIS A 106 -4.74 0.62 6.28
C HIS A 106 -6.18 1.03 6.61
N GLY A 107 -6.37 1.62 7.79
CA GLY A 107 -7.65 2.22 8.11
C GLY A 107 -7.85 3.63 7.57
N PHE A 108 -6.77 4.37 7.34
N PHE A 108 -6.75 4.34 7.33
CA PHE A 108 -6.90 5.78 7.02
CA PHE A 108 -6.85 5.75 7.00
C PHE A 108 -7.63 6.04 5.70
C PHE A 108 -7.64 6.02 5.73
N VAL A 109 -7.63 5.05 4.82
CA VAL A 109 -8.31 5.20 3.52
C VAL A 109 -9.86 5.12 3.69
N GLY A 110 -10.33 4.71 4.86
CA GLY A 110 -11.74 4.80 5.13
C GLY A 110 -12.41 3.47 5.38
N GLU A 111 -13.58 3.52 5.98
CA GLU A 111 -14.30 2.31 6.38
C GLU A 111 -14.66 1.40 5.19
N ASP A 112 -15.09 2.00 4.09
CA ASP A 112 -15.55 1.22 2.95
C ASP A 112 -14.40 0.39 2.35
N SER A 113 -13.21 0.97 2.36
CA SER A 113 -12.02 0.28 1.87
C SER A 113 -11.62 -0.89 2.75
N VAL A 114 -11.76 -0.72 4.06
CA VAL A 114 -11.49 -1.81 5.00
C VAL A 114 -12.52 -2.93 4.82
N LYS A 115 -13.80 -2.56 4.79
CA LYS A 115 -14.87 -3.53 4.59
C LYS A 115 -14.71 -4.33 3.30
N ALA A 116 -14.20 -3.70 2.24
CA ALA A 116 -14.02 -4.42 0.98
C ALA A 116 -13.08 -5.61 1.15
N VAL A 117 -12.04 -5.42 1.94
CA VAL A 117 -11.09 -6.48 2.25
C VAL A 117 -11.73 -7.49 3.20
N GLN A 118 -12.43 -7.00 4.21
CA GLN A 118 -13.13 -7.88 5.15
C GLN A 118 -14.10 -8.82 4.47
N ASP A 119 -14.85 -8.30 3.51
CA ASP A 119 -15.83 -9.10 2.80
C ASP A 119 -15.15 -10.28 2.10
N VAL A 120 -13.99 -10.03 1.50
CA VAL A 120 -13.25 -11.11 0.86
C VAL A 120 -12.73 -12.12 1.89
N ALA A 121 -12.21 -11.61 3.00
CA ALA A 121 -11.60 -12.46 4.02
C ALA A 121 -12.63 -13.31 4.74
N LYS A 122 -13.84 -12.77 4.90
CA LYS A 122 -14.91 -13.52 5.57
C LYS A 122 -15.28 -14.78 4.79
N LYS A 123 -15.42 -14.64 3.48
CA LYS A 123 -15.79 -15.77 2.64
C LYS A 123 -14.72 -16.86 2.63
N LEU A 124 -13.47 -16.47 2.88
CA LEU A 124 -12.34 -17.40 2.82
C LEU A 124 -11.88 -17.85 4.20
N ASN A 125 -12.52 -17.36 5.25
N ASN A 125 -12.52 -17.33 5.23
CA ASN A 125 -12.10 -17.64 6.63
CA ASN A 125 -12.13 -17.58 6.62
C ASN A 125 -10.66 -17.21 6.92
C ASN A 125 -10.68 -17.22 6.89
N LYS A 126 -10.31 -16.00 6.50
CA LYS A 126 -8.96 -15.48 6.68
C LYS A 126 -9.00 -14.25 7.59
N LYS A 127 -7.85 -13.83 8.09
CA LYS A 127 -7.75 -12.74 9.05
C LYS A 127 -7.56 -11.37 8.38
N VAL A 128 -8.15 -10.34 8.95
CA VAL A 128 -7.89 -8.97 8.51
C VAL A 128 -7.34 -8.17 9.68
N ILE A 129 -6.23 -7.52 9.45
CA ILE A 129 -5.53 -6.77 10.50
C ILE A 129 -5.44 -5.34 10.03
N MET A 130 -5.85 -4.39 10.86
CA MET A 130 -5.92 -3.00 10.43
C MET A 130 -4.82 -2.15 11.07
N VAL A 131 -4.14 -1.35 10.25
CA VAL A 131 -3.13 -0.45 10.80
C VAL A 131 -3.80 0.74 11.49
N THR A 132 -3.36 1.02 12.70
CA THR A 132 -3.75 2.24 13.39
C THR A 132 -2.61 3.25 13.36
N GLU A 133 -2.05 3.60 14.51
CA GLU A 133 -0.87 4.48 14.53
C GLU A 133 0.37 3.69 14.14
N MET A 134 1.23 4.29 13.30
CA MET A 134 2.46 3.61 12.90
C MET A 134 3.65 3.97 13.77
N SER A 135 4.76 3.25 13.61
CA SER A 135 5.87 3.34 14.57
C SER A 135 6.95 4.38 14.27
N HIS A 136 7.01 4.83 13.02
CA HIS A 136 8.07 5.75 12.58
C HIS A 136 7.72 7.20 12.89
N PRO A 137 8.72 8.09 12.89
CA PRO A 137 8.47 9.50 13.22
C PRO A 137 7.38 10.16 12.38
N GLY A 138 7.27 9.82 11.10
CA GLY A 138 6.29 10.41 10.22
C GLY A 138 4.86 10.10 10.63
N ALA A 139 4.67 9.07 11.44
CA ALA A 139 3.32 8.69 11.85
C ALA A 139 2.66 9.77 12.69
N VAL A 140 3.46 10.61 13.31
CA VAL A 140 2.94 11.66 14.17
C VAL A 140 2.18 12.72 13.37
N GLN A 141 2.54 12.85 12.10
CA GLN A 141 2.06 13.97 11.29
C GLN A 141 0.56 13.91 11.00
N PHE A 142 0.09 12.74 10.57
CA PHE A 142 -1.31 12.56 10.20
C PHE A 142 -2.00 11.39 10.90
N LEU A 143 -1.27 10.31 11.15
CA LEU A 143 -1.87 9.11 11.74
C LEU A 143 -2.17 9.27 13.23
N GLN A 144 -1.20 9.76 13.99
CA GLN A 144 -1.38 9.90 15.42
C GLN A 144 -2.62 10.74 15.82
N PRO A 145 -2.87 11.87 15.13
CA PRO A 145 -4.04 12.64 15.58
C PRO A 145 -5.38 11.96 15.37
N ILE A 146 -5.47 10.95 14.51
CA ILE A 146 -6.72 10.24 14.33
C ILE A 146 -6.66 8.75 14.72
N ALA A 147 -5.58 8.35 15.37
CA ALA A 147 -5.36 6.93 15.65
C ALA A 147 -6.40 6.36 16.63
N ASP A 148 -6.87 7.19 17.56
CA ASP A 148 -7.92 6.76 18.47
C ASP A 148 -9.22 6.48 17.68
N LYS A 149 -9.50 7.28 16.65
CA LYS A 149 -10.70 7.05 15.84
C LYS A 149 -10.51 5.82 14.96
N LEU A 150 -9.29 5.59 14.50
CA LEU A 150 -8.99 4.37 13.75
C LEU A 150 -9.24 3.18 14.67
N SER A 151 -8.82 3.31 15.91
CA SER A 151 -9.00 2.24 16.87
C SER A 151 -10.46 1.96 17.11
N GLU A 152 -11.27 3.02 17.19
CA GLU A 152 -12.70 2.86 17.36
C GLU A 152 -13.30 2.17 16.15
N MET A 153 -12.83 2.54 14.96
CA MET A 153 -13.29 1.90 13.72
C MET A 153 -12.95 0.42 13.67
N ALA A 154 -11.74 0.07 14.12
CA ALA A 154 -11.35 -1.33 14.12
C ALA A 154 -12.31 -2.14 15.01
N LYS A 155 -12.66 -1.57 16.17
CA LYS A 155 -13.60 -2.18 17.09
C LYS A 155 -14.98 -2.31 16.44
N LYS A 156 -15.40 -1.25 15.74
CA LYS A 156 -16.70 -1.21 15.08
C LYS A 156 -16.79 -2.31 14.01
N LEU A 157 -15.71 -2.47 13.26
CA LEU A 157 -15.68 -3.36 12.10
C LEU A 157 -15.36 -4.80 12.48
N LYS A 158 -14.97 -5.01 13.72
CA LYS A 158 -14.62 -6.33 14.22
C LYS A 158 -13.53 -7.00 13.37
N VAL A 159 -12.47 -6.25 13.07
CA VAL A 159 -11.30 -6.85 12.45
C VAL A 159 -10.61 -7.77 13.45
N ASP A 160 -9.70 -8.60 12.97
CA ASP A 160 -9.10 -9.64 13.80
C ASP A 160 -8.05 -9.09 14.76
N ALA A 161 -7.32 -8.08 14.30
CA ALA A 161 -6.25 -7.48 15.09
C ALA A 161 -5.94 -6.11 14.53
N ILE A 162 -5.13 -5.34 15.26
CA ILE A 162 -4.66 -4.06 14.75
C ILE A 162 -3.14 -4.01 14.85
N VAL A 163 -2.54 -3.12 14.06
CA VAL A 163 -1.12 -2.82 14.19
C VAL A 163 -1.02 -1.53 14.99
N ALA A 164 -0.20 -1.54 16.03
CA ALA A 164 0.01 -0.37 16.89
C ALA A 164 1.47 -0.39 17.35
N PRO A 165 2.03 0.78 17.67
CA PRO A 165 3.50 0.93 17.66
C PRO A 165 4.24 0.62 18.96
N SER A 166 5.30 -0.21 18.86
CA SER A 166 6.16 -0.48 20.01
C SER A 166 6.96 0.74 20.45
N THR A 167 7.17 1.66 19.52
CA THR A 167 8.04 2.80 19.78
C THR A 167 7.39 3.81 20.71
N ARG A 168 6.07 3.73 20.87
CA ARG A 168 5.37 4.63 21.77
C ARG A 168 4.50 3.83 22.72
N PRO A 169 5.09 3.35 23.82
CA PRO A 169 4.34 2.42 24.69
C PRO A 169 3.04 3.00 25.24
N GLU A 170 3.01 4.29 25.59
CA GLU A 170 1.78 4.90 26.09
C GLU A 170 0.67 4.86 25.04
N ARG A 171 1.02 5.11 23.79
CA ARG A 171 0.05 5.06 22.69
C ARG A 171 -0.39 3.63 22.41
N LEU A 172 0.55 2.70 22.45
CA LEU A 172 0.22 1.28 22.28
C LEU A 172 -0.82 0.86 23.31
N LYS A 173 -0.59 1.21 24.56
CA LYS A 173 -1.56 0.91 25.62
C LYS A 173 -2.93 1.55 25.34
N GLU A 174 -2.91 2.84 24.98
CA GLU A 174 -4.15 3.57 24.76
C GLU A 174 -4.94 3.01 23.59
N ILE A 175 -4.23 2.75 22.49
CA ILE A 175 -4.85 2.21 21.29
C ILE A 175 -5.46 0.84 21.57
N LYS A 176 -4.69 0.00 22.24
CA LYS A 176 -5.18 -1.35 22.54
C LYS A 176 -6.43 -1.32 23.40
N GLU A 177 -6.47 -0.40 24.37
CA GLU A 177 -7.60 -0.34 25.28
C GLU A 177 -8.85 0.23 24.63
N ILE A 178 -8.68 1.07 23.62
CA ILE A 178 -9.81 1.59 22.86
C ILE A 178 -10.38 0.50 21.96
N ALA A 179 -9.50 -0.21 21.26
CA ALA A 179 -9.91 -1.18 20.25
C ALA A 179 -10.47 -2.45 20.89
N GLU A 180 -9.91 -2.82 22.04
CA GLU A 180 -10.21 -4.08 22.72
C GLU A 180 -9.98 -5.27 21.79
N LEU A 181 -8.92 -5.18 20.99
CA LEU A 181 -8.54 -6.21 20.01
C LEU A 181 -7.09 -6.62 20.22
N PRO A 182 -6.70 -7.81 19.74
CA PRO A 182 -5.28 -8.19 19.80
C PRO A 182 -4.44 -7.24 18.96
N VAL A 183 -3.18 -7.08 19.33
CA VAL A 183 -2.31 -6.22 18.54
C VAL A 183 -1.14 -6.99 17.96
N ILE A 184 -0.68 -6.56 16.80
CA ILE A 184 0.66 -6.93 16.36
C ILE A 184 1.47 -5.62 16.36
N THR A 185 2.63 -5.64 17.01
CA THR A 185 3.33 -4.40 17.29
C THR A 185 4.78 -4.37 16.82
N PRO A 186 5.10 -3.47 15.89
CA PRO A 186 6.45 -3.33 15.35
C PRO A 186 7.22 -2.18 15.97
N GLY A 187 8.53 -2.23 15.87
CA GLY A 187 9.35 -1.13 16.35
C GLY A 187 10.49 -1.53 17.26
N VAL A 188 10.43 -2.74 17.81
CA VAL A 188 11.51 -3.23 18.66
C VAL A 188 12.76 -3.54 17.84
N GLY A 189 13.92 -3.13 18.34
CA GLY A 189 15.18 -3.42 17.68
C GLY A 189 15.63 -2.26 16.81
N ALA A 190 15.53 -2.43 15.49
CA ALA A 190 16.07 -1.45 14.56
C ALA A 190 15.51 -0.04 14.78
N GLN A 191 14.23 0.04 15.11
CA GLN A 191 13.58 1.34 15.26
C GLN A 191 13.71 1.90 16.68
N GLY A 192 14.37 1.16 17.56
CA GLY A 192 14.69 1.71 18.87
C GLY A 192 13.77 1.30 20.00
N GLY A 193 12.68 0.62 19.65
CA GLY A 193 11.76 0.12 20.66
C GLY A 193 12.42 -0.97 21.47
N LYS A 194 12.01 -1.11 22.72
CA LYS A 194 12.57 -2.14 23.58
C LYS A 194 11.45 -3.00 24.18
N ILE A 195 11.65 -4.32 24.19
CA ILE A 195 10.66 -5.26 24.70
C ILE A 195 10.19 -4.91 26.12
N GLU A 196 11.14 -4.59 27.00
CA GLU A 196 10.81 -4.37 28.41
C GLU A 196 9.83 -3.23 28.60
N ASP A 197 9.77 -2.32 27.63
CA ASP A 197 8.92 -1.13 27.74
C ASP A 197 7.48 -1.40 27.31
N ILE A 198 7.25 -2.53 26.64
CA ILE A 198 5.91 -2.86 26.17
C ILE A 198 5.38 -4.15 26.75
N LEU A 199 6.26 -4.93 27.38
CA LEU A 199 5.91 -6.27 27.82
C LEU A 199 4.69 -6.28 28.74
N ASN A 200 4.62 -5.31 29.65
CA ASN A 200 3.49 -5.18 30.57
C ASN A 200 2.14 -4.93 29.89
N ILE A 201 2.18 -4.44 28.65
CA ILE A 201 0.96 -4.07 27.95
C ILE A 201 0.39 -5.28 27.21
N LEU A 202 1.26 -6.22 26.88
CA LEU A 202 0.90 -7.30 25.97
C LEU A 202 0.43 -8.56 26.69
N ASP A 203 -0.39 -9.35 26.00
CA ASP A 203 -0.75 -10.68 26.51
C ASP A 203 -0.53 -11.76 25.45
N GLU A 204 -0.97 -12.98 25.75
CA GLU A 204 -0.74 -14.14 24.90
C GLU A 204 -1.35 -14.03 23.51
N ASN A 205 -2.30 -13.11 23.32
CA ASN A 205 -2.99 -12.94 22.05
C ASN A 205 -2.34 -11.91 21.14
N ASP A 206 -1.30 -11.27 21.67
CA ASP A 206 -0.56 -10.25 20.93
C ASP A 206 0.69 -10.83 20.30
N TYR A 207 1.17 -10.18 19.24
CA TYR A 207 2.46 -10.51 18.65
C TYR A 207 3.38 -9.30 18.69
N VAL A 208 4.63 -9.54 19.02
CA VAL A 208 5.69 -8.54 18.84
C VAL A 208 6.34 -8.84 17.50
N ILE A 209 6.36 -7.84 16.62
CA ILE A 209 6.97 -7.94 15.30
C ILE A 209 8.44 -7.59 15.39
N VAL A 210 9.31 -8.47 14.92
CA VAL A 210 10.72 -8.16 14.79
C VAL A 210 11.20 -8.53 13.40
N GLY A 211 11.82 -7.57 12.72
CA GLY A 211 12.40 -7.81 11.42
C GLY A 211 13.93 -7.80 11.45
N ARG A 212 14.50 -6.64 11.15
CA ARG A 212 15.96 -6.50 10.98
C ARG A 212 16.82 -7.09 12.10
N ALA A 213 16.42 -6.88 13.35
CA ALA A 213 17.19 -7.39 14.47
C ALA A 213 17.40 -8.89 14.37
N ILE A 214 16.46 -9.56 13.71
CA ILE A 214 16.60 -10.98 13.45
C ILE A 214 17.21 -11.27 12.08
N TYR A 215 16.61 -10.74 11.00
CA TYR A 215 17.09 -11.15 9.67
C TYR A 215 18.42 -10.57 9.20
N GLN A 216 18.89 -9.50 9.83
CA GLN A 216 20.18 -8.92 9.46
C GLN A 216 21.34 -9.48 10.28
N SER A 217 21.03 -10.33 11.25
CA SER A 217 22.06 -10.89 12.10
C SER A 217 22.80 -12.05 11.42
N GLN A 218 24.02 -12.31 11.87
CA GLN A 218 24.81 -13.41 11.35
C GLN A 218 24.26 -14.76 11.82
N ASN A 219 23.54 -14.73 12.94
CA ASN A 219 22.90 -15.94 13.45
C ASN A 219 21.44 -15.68 13.77
N PRO A 220 20.58 -15.73 12.74
CA PRO A 220 19.15 -15.46 12.95
C PRO A 220 18.48 -16.43 13.93
N LYS A 221 18.93 -17.68 13.97
CA LYS A 221 18.34 -18.64 14.89
C LYS A 221 18.52 -18.16 16.32
N GLU A 222 19.77 -17.82 16.66
CA GLU A 222 20.09 -17.35 18.00
C GLU A 222 19.33 -16.08 18.37
N GLU A 223 19.21 -15.14 17.42
CA GLU A 223 18.52 -13.90 17.72
C GLU A 223 17.02 -14.12 17.90
N ALA A 224 16.45 -15.01 17.08
CA ALA A 224 15.04 -15.34 17.22
C ALA A 224 14.81 -15.98 18.59
N LYS A 225 15.69 -16.89 18.98
CA LYS A 225 15.62 -17.50 20.31
C LYS A 225 15.68 -16.46 21.41
N LYS A 226 16.62 -15.52 21.27
CA LYS A 226 16.79 -14.45 22.25
C LYS A 226 15.52 -13.63 22.39
N TYR A 227 14.95 -13.24 21.26
CA TYR A 227 13.72 -12.44 21.28
C TYR A 227 12.54 -13.23 21.84
N LYS A 228 12.46 -14.52 21.51
CA LYS A 228 11.36 -15.35 22.02
C LYS A 228 11.42 -15.43 23.54
N GLU A 229 12.63 -15.63 24.05
CA GLU A 229 12.83 -15.73 25.49
C GLU A 229 12.61 -14.40 26.19
N MET A 230 12.83 -13.29 25.47
CA MET A 230 12.57 -11.95 25.99
C MET A 230 11.07 -11.72 26.22
N LEU A 231 10.25 -12.53 25.55
CA LEU A 231 8.80 -12.38 25.66
C LEU A 231 8.25 -13.12 26.87
N ASN A 232 9.09 -13.91 27.52
N ASN A 232 9.09 -13.90 27.54
CA ASN A 232 8.69 -14.55 28.77
CA ASN A 232 8.70 -14.54 28.78
C ASN A 232 8.47 -13.48 29.84
C ASN A 232 8.46 -13.47 29.83
N LYS A 233 7.26 -13.46 30.39
CA LYS A 233 6.78 -12.30 31.12
C LYS A 233 6.15 -12.71 32.44
N HIS B 20 -1.84 19.70 -26.62
CA HIS B 20 -2.02 20.71 -25.58
C HIS B 20 -3.33 20.51 -24.80
N MET B 21 -3.80 19.27 -24.78
CA MET B 21 -5.00 18.91 -24.03
C MET B 21 -4.59 18.01 -22.84
N PRO B 22 -5.47 17.89 -21.83
CA PRO B 22 -5.23 16.89 -20.77
C PRO B 22 -4.99 15.52 -21.39
N LYS B 23 -4.16 14.71 -20.73
CA LYS B 23 -3.78 13.41 -21.28
C LYS B 23 -4.60 12.30 -20.65
N LEU B 24 -4.55 11.12 -21.26
CA LEU B 24 -5.33 9.98 -20.83
C LEU B 24 -4.41 8.90 -20.27
N MET B 25 -4.67 8.48 -19.03
CA MET B 25 -3.85 7.44 -18.40
C MET B 25 -4.75 6.24 -18.15
N LEU B 26 -4.42 5.09 -18.75
CA LEU B 26 -5.19 3.89 -18.55
C LEU B 26 -4.84 3.24 -17.21
N ALA B 27 -5.83 3.00 -16.38
CA ALA B 27 -5.65 2.20 -15.16
C ALA B 27 -5.88 0.74 -15.51
N LEU B 28 -4.79 -0.01 -15.66
CA LEU B 28 -4.88 -1.37 -16.17
C LEU B 28 -5.01 -2.36 -15.00
N ASP B 29 -6.21 -2.42 -14.45
CA ASP B 29 -6.46 -3.26 -13.28
C ASP B 29 -7.14 -4.58 -13.64
N VAL B 30 -6.65 -5.21 -14.70
CA VAL B 30 -7.07 -6.57 -15.03
C VAL B 30 -6.15 -7.57 -14.34
N LEU B 31 -6.56 -8.83 -14.29
CA LEU B 31 -5.88 -9.83 -13.45
C LEU B 31 -5.16 -10.89 -14.25
N ASP B 32 -5.16 -10.74 -15.57
CA ASP B 32 -4.57 -11.75 -16.44
C ASP B 32 -3.57 -11.10 -17.40
N ARG B 33 -2.40 -11.70 -17.54
CA ARG B 33 -1.36 -11.17 -18.41
C ARG B 33 -1.82 -11.07 -19.89
N ASP B 34 -2.48 -12.12 -20.38
CA ASP B 34 -2.92 -12.13 -21.77
C ASP B 34 -3.93 -11.01 -22.04
N ARG B 35 -4.90 -10.86 -21.14
CA ARG B 35 -5.91 -9.81 -21.28
C ARG B 35 -5.25 -8.44 -21.21
N ALA B 36 -4.31 -8.29 -20.29
CA ALA B 36 -3.61 -7.03 -20.08
C ALA B 36 -2.86 -6.57 -21.34
N LEU B 37 -2.05 -7.46 -21.89
CA LEU B 37 -1.28 -7.15 -23.07
C LEU B 37 -2.19 -6.86 -24.27
N LYS B 38 -3.33 -7.56 -24.34
CA LYS B 38 -4.27 -7.36 -25.44
C LYS B 38 -4.92 -5.97 -25.37
N ILE B 39 -5.27 -5.57 -24.16
CA ILE B 39 -5.84 -4.23 -23.94
C ILE B 39 -4.82 -3.16 -24.32
N VAL B 40 -3.58 -3.33 -23.87
CA VAL B 40 -2.53 -2.37 -24.16
C VAL B 40 -2.35 -2.20 -25.67
N GLU B 41 -2.25 -3.32 -26.38
CA GLU B 41 -2.13 -3.29 -27.84
C GLU B 41 -3.30 -2.57 -28.50
N ASP B 42 -4.50 -2.78 -27.99
CA ASP B 42 -5.71 -2.23 -28.58
C ASP B 42 -5.87 -0.72 -28.36
N VAL B 43 -5.35 -0.22 -27.24
CA VAL B 43 -5.60 1.17 -26.86
C VAL B 43 -4.40 2.10 -27.03
N LYS B 44 -3.25 1.56 -27.42
CA LYS B 44 -2.00 2.32 -27.42
C LYS B 44 -2.01 3.62 -28.23
N ASP B 45 -2.81 3.68 -29.29
CA ASP B 45 -2.86 4.89 -30.10
C ASP B 45 -3.65 6.02 -29.44
N TYR B 46 -4.32 5.73 -28.34
CA TYR B 46 -5.22 6.72 -27.73
C TYR B 46 -4.89 7.06 -26.31
N VAL B 47 -4.06 6.23 -25.68
CA VAL B 47 -3.67 6.45 -24.31
C VAL B 47 -2.28 7.09 -24.27
N ASP B 48 -2.03 7.91 -23.25
CA ASP B 48 -0.75 8.62 -23.12
C ASP B 48 0.18 8.05 -22.06
N ALA B 49 -0.37 7.23 -21.17
CA ALA B 49 0.41 6.57 -20.13
C ALA B 49 -0.38 5.38 -19.57
N ILE B 50 0.30 4.40 -19.01
CA ILE B 50 -0.38 3.26 -18.43
C ILE B 50 -0.06 3.16 -16.95
N LYS B 51 -1.10 3.05 -16.13
CA LYS B 51 -0.94 2.89 -14.69
C LYS B 51 -1.15 1.42 -14.35
N VAL B 52 -0.13 0.81 -13.77
CA VAL B 52 -0.14 -0.60 -13.44
C VAL B 52 -0.15 -0.72 -11.93
N GLY B 53 -1.10 -1.47 -11.41
CA GLY B 53 -1.22 -1.59 -9.96
C GLY B 53 -0.98 -3.00 -9.46
N TYR B 54 -1.26 -3.20 -8.18
CA TYR B 54 -1.13 -4.54 -7.59
C TYR B 54 -2.09 -5.63 -8.10
N PRO B 55 -3.33 -5.25 -8.51
CA PRO B 55 -4.17 -6.29 -9.13
C PRO B 55 -3.48 -7.01 -10.28
N LEU B 56 -2.81 -6.26 -11.14
CA LEU B 56 -2.08 -6.88 -12.25
C LEU B 56 -0.74 -7.48 -11.78
N VAL B 57 0.04 -6.71 -11.04
CA VAL B 57 1.39 -7.14 -10.67
C VAL B 57 1.43 -8.37 -9.74
N LEU B 58 0.50 -8.45 -8.79
CA LEU B 58 0.45 -9.63 -7.93
C LEU B 58 0.04 -10.86 -8.73
N SER B 59 -0.67 -10.64 -9.83
CA SER B 59 -1.10 -11.72 -10.71
C SER B 59 0.00 -12.17 -11.64
N THR B 60 0.83 -11.22 -12.11
CA THR B 60 1.76 -11.52 -13.18
C THR B 60 3.23 -11.34 -12.82
N GLY B 61 3.50 -10.56 -11.78
CA GLY B 61 4.87 -10.24 -11.42
C GLY B 61 5.30 -8.93 -12.06
N THR B 62 6.39 -8.37 -11.56
CA THR B 62 6.87 -7.05 -12.00
C THR B 62 7.31 -7.05 -13.47
N GLU B 63 7.59 -8.24 -14.00
CA GLU B 63 8.08 -8.36 -15.37
C GLU B 63 7.08 -7.83 -16.41
N ILE B 64 5.81 -7.74 -16.03
CA ILE B 64 4.78 -7.24 -16.94
C ILE B 64 5.01 -5.78 -17.28
N ILE B 65 5.71 -5.08 -16.39
CA ILE B 65 5.96 -3.65 -16.58
C ILE B 65 6.88 -3.39 -17.78
N LYS B 66 7.95 -4.17 -17.91
CA LYS B 66 8.83 -4.02 -19.06
C LYS B 66 8.10 -4.45 -20.33
N GLU B 67 7.27 -5.49 -20.22
CA GLU B 67 6.52 -5.98 -21.37
C GLU B 67 5.55 -4.94 -21.91
N ILE B 68 4.82 -4.30 -21.00
CA ILE B 68 3.85 -3.27 -21.37
C ILE B 68 4.58 -2.11 -22.03
N LYS B 69 5.68 -1.71 -21.40
CA LYS B 69 6.47 -0.58 -21.87
C LYS B 69 6.98 -0.79 -23.30
N LYS B 70 7.46 -2.00 -23.58
CA LYS B 70 7.93 -2.33 -24.93
C LYS B 70 6.79 -2.38 -25.93
N LEU B 71 5.58 -2.61 -25.42
CA LEU B 71 4.42 -2.84 -26.28
C LEU B 71 3.76 -1.53 -26.74
N CYS B 72 3.70 -0.54 -25.85
CA CYS B 72 3.02 0.71 -26.18
C CYS B 72 3.97 1.89 -26.30
N ASN B 73 5.20 1.72 -25.81
CA ASN B 73 6.21 2.78 -25.83
C ASN B 73 5.76 4.06 -25.12
N LYS B 74 4.97 3.90 -24.06
CA LYS B 74 4.48 5.01 -23.26
C LYS B 74 5.04 4.91 -21.84
N GLU B 75 4.87 5.97 -21.06
CA GLU B 75 5.25 5.98 -19.65
C GLU B 75 4.42 4.97 -18.87
N VAL B 76 5.06 4.19 -18.01
CA VAL B 76 4.34 3.25 -17.17
C VAL B 76 4.55 3.60 -15.71
N ILE B 77 3.44 3.90 -15.02
CA ILE B 77 3.50 4.29 -13.61
C ILE B 77 3.05 3.13 -12.74
N ALA B 78 3.82 2.78 -11.71
CA ALA B 78 3.42 1.73 -10.77
C ALA B 78 2.60 2.30 -9.65
N ASP B 79 1.31 1.99 -9.62
CA ASP B 79 0.43 2.53 -8.62
C ASP B 79 0.42 1.55 -7.46
N PHE B 80 1.42 1.69 -6.62
CA PHE B 80 1.61 0.77 -5.51
C PHE B 80 1.18 1.36 -4.17
N LYS B 81 0.59 2.56 -4.20
CA LYS B 81 0.05 3.19 -2.98
C LYS B 81 1.04 3.02 -1.82
N VAL B 82 2.32 3.32 -2.05
CA VAL B 82 3.34 2.98 -1.07
C VAL B 82 3.03 3.64 0.27
N ALA B 83 2.94 2.85 1.32
CA ALA B 83 2.38 3.37 2.58
C ALA B 83 2.98 2.67 3.81
N ASP B 84 4.30 2.65 3.87
CA ASP B 84 4.95 1.96 4.98
C ASP B 84 5.97 2.89 5.63
N ILE B 85 6.76 2.33 6.55
CA ILE B 85 7.85 3.08 7.16
C ILE B 85 8.94 3.38 6.13
N PRO B 86 9.76 4.40 6.39
CA PRO B 86 10.79 4.74 5.40
C PRO B 86 11.65 3.58 4.91
N ALA B 87 12.13 2.71 5.80
CA ALA B 87 13.04 1.64 5.42
C ALA B 87 12.37 0.67 4.45
N THR B 88 11.11 0.36 4.73
CA THR B 88 10.35 -0.52 3.86
C THR B 88 9.99 0.17 2.56
N ASN B 89 9.56 1.42 2.66
CA ASN B 89 9.28 2.22 1.44
C ASN B 89 10.47 2.25 0.49
N GLU B 90 11.66 2.43 1.05
CA GLU B 90 12.89 2.45 0.26
C GLU B 90 13.07 1.14 -0.49
N LYS B 91 12.85 0.02 0.19
N LYS B 91 12.85 0.02 0.19
CA LYS B 91 12.98 -1.29 -0.44
CA LYS B 91 12.99 -1.29 -0.45
C LYS B 91 11.99 -1.47 -1.60
C LYS B 91 11.99 -1.47 -1.60
N ILE B 92 10.74 -1.07 -1.36
CA ILE B 92 9.69 -1.17 -2.37
C ILE B 92 10.02 -0.29 -3.58
N ALA B 93 10.50 0.92 -3.31
CA ALA B 93 10.83 1.87 -4.39
C ALA B 93 11.93 1.34 -5.28
N LYS B 94 12.98 0.79 -4.68
CA LYS B 94 14.13 0.30 -5.44
C LYS B 94 13.73 -0.81 -6.40
N ILE B 95 12.92 -1.75 -5.91
CA ILE B 95 12.47 -2.86 -6.74
C ILE B 95 11.59 -2.36 -7.87
N THR B 96 10.66 -1.47 -7.52
CA THR B 96 9.62 -1.03 -8.42
C THR B 96 10.20 -0.23 -9.55
N LEU B 97 11.14 0.66 -9.22
CA LEU B 97 11.69 1.60 -10.19
C LEU B 97 12.81 1.01 -11.05
N LYS B 98 13.15 -0.25 -10.83
CA LYS B 98 14.00 -0.95 -11.79
C LYS B 98 13.23 -1.05 -13.11
N TYR B 99 11.90 -1.18 -12.98
CA TYR B 99 11.04 -1.51 -14.10
C TYR B 99 10.18 -0.32 -14.54
N ALA B 100 9.54 0.33 -13.58
CA ALA B 100 8.57 1.39 -13.86
C ALA B 100 9.21 2.77 -14.05
N ASP B 101 8.47 3.70 -14.66
CA ASP B 101 8.98 5.04 -14.92
C ASP B 101 8.69 5.99 -13.75
N GLY B 102 7.82 5.55 -12.86
CA GLY B 102 7.41 6.36 -11.73
C GLY B 102 6.61 5.51 -10.78
N ILE B 103 6.33 6.05 -9.59
CA ILE B 103 5.68 5.29 -8.54
C ILE B 103 4.78 6.21 -7.74
N ILE B 104 3.63 5.68 -7.31
CA ILE B 104 2.65 6.45 -6.54
C ILE B 104 2.78 6.07 -5.07
N VAL B 105 2.89 7.09 -4.22
CA VAL B 105 3.10 6.92 -2.79
C VAL B 105 2.01 7.68 -2.04
N HIS B 106 1.56 7.13 -0.91
CA HIS B 106 0.66 7.88 -0.04
C HIS B 106 1.40 8.95 0.76
N GLY B 107 0.76 10.10 0.93
CA GLY B 107 1.28 11.13 1.80
C GLY B 107 0.90 10.97 3.27
N PHE B 108 -0.21 10.28 3.52
N PHE B 108 -0.22 10.30 3.55
CA PHE B 108 -0.76 10.22 4.87
CA PHE B 108 -0.74 10.28 4.91
C PHE B 108 0.20 9.61 5.88
C PHE B 108 0.19 9.57 5.91
N VAL B 109 1.08 8.73 5.39
CA VAL B 109 2.00 8.00 6.26
C VAL B 109 3.13 8.94 6.76
N GLY B 110 3.24 10.13 6.16
CA GLY B 110 4.14 11.12 6.70
C GLY B 110 5.25 11.50 5.75
N GLU B 111 5.88 12.64 6.03
CA GLU B 111 6.89 13.20 5.16
C GLU B 111 8.11 12.29 4.98
N ASP B 112 8.58 11.68 6.07
CA ASP B 112 9.77 10.84 6.00
C ASP B 112 9.55 9.65 5.04
N SER B 113 8.35 9.08 5.07
CA SER B 113 8.01 7.97 4.19
C SER B 113 7.98 8.36 2.73
N VAL B 114 7.44 9.54 2.44
CA VAL B 114 7.47 10.07 1.09
C VAL B 114 8.92 10.34 0.63
N LYS B 115 9.69 11.04 1.46
CA LYS B 115 11.08 11.32 1.15
C LYS B 115 11.91 10.04 0.88
N ALA B 116 11.61 8.96 1.60
CA ALA B 116 12.38 7.74 1.37
C ALA B 116 12.21 7.23 -0.06
N VAL B 117 11.00 7.37 -0.58
CA VAL B 117 10.72 7.02 -1.97
C VAL B 117 11.37 8.01 -2.93
N GLN B 118 11.23 9.30 -2.62
CA GLN B 118 11.87 10.35 -3.45
C GLN B 118 13.37 10.17 -3.58
N ASP B 119 14.02 9.82 -2.48
CA ASP B 119 15.46 9.63 -2.49
C ASP B 119 15.87 8.54 -3.48
N VAL B 120 15.09 7.46 -3.55
CA VAL B 120 15.36 6.40 -4.50
C VAL B 120 15.13 6.88 -5.94
N ALA B 121 14.01 7.57 -6.15
CA ALA B 121 13.61 8.01 -7.48
C ALA B 121 14.56 9.07 -8.03
N LYS B 122 15.09 9.92 -7.14
CA LYS B 122 16.01 10.98 -7.57
C LYS B 122 17.24 10.38 -8.19
N LYS B 123 17.77 9.34 -7.55
CA LYS B 123 18.99 8.70 -8.02
C LYS B 123 18.78 8.03 -9.37
N LEU B 124 17.56 7.57 -9.62
CA LEU B 124 17.25 6.81 -10.83
C LEU B 124 16.59 7.65 -11.92
N ASN B 125 16.40 8.94 -11.65
N ASN B 125 16.39 8.92 -11.62
CA ASN B 125 15.69 9.84 -12.57
CA ASN B 125 15.69 9.85 -12.50
C ASN B 125 14.26 9.40 -12.88
C ASN B 125 14.30 9.34 -12.87
N LYS B 126 13.54 8.97 -11.84
CA LYS B 126 12.17 8.49 -11.99
C LYS B 126 11.20 9.44 -11.29
N LYS B 127 9.90 9.27 -11.57
CA LYS B 127 8.87 10.16 -11.06
C LYS B 127 8.25 9.63 -9.76
N VAL B 128 7.89 10.55 -8.87
CA VAL B 128 7.15 10.20 -7.65
C VAL B 128 5.88 11.02 -7.64
N ILE B 129 4.77 10.33 -7.43
CA ILE B 129 3.45 10.95 -7.48
C ILE B 129 2.80 10.66 -6.13
N MET B 130 2.30 11.71 -5.47
CA MET B 130 1.78 11.53 -4.11
C MET B 130 0.25 11.59 -4.08
N VAL B 131 -0.36 10.65 -3.37
CA VAL B 131 -1.81 10.68 -3.22
C VAL B 131 -2.20 11.76 -2.22
N THR B 132 -3.18 12.58 -2.59
CA THR B 132 -3.79 13.53 -1.67
C THR B 132 -5.16 13.01 -1.26
N GLU B 133 -6.22 13.72 -1.64
CA GLU B 133 -7.57 13.23 -1.36
C GLU B 133 -7.94 12.15 -2.37
N MET B 134 -8.56 11.06 -1.90
CA MET B 134 -8.98 9.99 -2.79
C MET B 134 -10.41 10.14 -3.28
N SER B 135 -10.79 9.36 -4.29
CA SER B 135 -12.04 9.58 -5.02
C SER B 135 -13.28 8.90 -4.45
N HIS B 136 -13.08 7.87 -3.63
CA HIS B 136 -14.19 7.05 -3.12
C HIS B 136 -14.81 7.68 -1.87
N PRO B 137 -16.03 7.25 -1.52
CA PRO B 137 -16.71 7.83 -0.35
C PRO B 137 -15.91 7.79 0.96
N GLY B 138 -15.18 6.70 1.19
CA GLY B 138 -14.39 6.55 2.38
C GLY B 138 -13.30 7.61 2.55
N ALA B 139 -12.91 8.25 1.47
CA ALA B 139 -11.88 9.28 1.54
C ALA B 139 -12.29 10.47 2.39
N VAL B 140 -13.59 10.68 2.55
CA VAL B 140 -14.07 11.82 3.31
C VAL B 140 -13.74 11.66 4.80
N GLN B 141 -13.57 10.41 5.23
CA GLN B 141 -13.50 10.12 6.65
C GLN B 141 -12.22 10.65 7.29
N PHE B 142 -11.08 10.37 6.67
CA PHE B 142 -9.79 10.79 7.21
C PHE B 142 -8.94 11.62 6.23
N LEU B 143 -9.00 11.29 4.94
CA LEU B 143 -8.17 11.98 3.95
C LEU B 143 -8.61 13.41 3.66
N GLN B 144 -9.90 13.60 3.40
CA GLN B 144 -10.41 14.92 3.07
C GLN B 144 -10.06 16.01 4.10
N PRO B 145 -10.23 15.73 5.41
CA PRO B 145 -9.93 16.81 6.38
C PRO B 145 -8.46 17.27 6.40
N ILE B 146 -7.53 16.45 5.92
CA ILE B 146 -6.13 16.87 5.87
C ILE B 146 -5.56 16.96 4.46
N ALA B 147 -6.41 16.87 3.45
CA ALA B 147 -5.93 16.84 2.07
C ALA B 147 -5.25 18.14 1.64
N ASP B 148 -5.67 19.27 2.20
CA ASP B 148 -5.03 20.53 1.90
C ASP B 148 -3.60 20.52 2.47
N LYS B 149 -3.42 19.94 3.66
CA LYS B 149 -2.08 19.82 4.22
C LYS B 149 -1.23 18.82 3.44
N LEU B 150 -1.86 17.76 2.92
CA LEU B 150 -1.12 16.82 2.05
C LEU B 150 -0.66 17.58 0.82
N SER B 151 -1.53 18.43 0.29
N SER B 151 -1.53 18.43 0.31
CA SER B 151 -1.19 19.20 -0.90
CA SER B 151 -1.23 19.22 -0.89
C SER B 151 -0.04 20.15 -0.62
C SER B 151 -0.07 20.17 -0.62
N GLU B 152 -0.06 20.77 0.55
CA GLU B 152 1.03 21.67 0.94
C GLU B 152 2.33 20.90 1.06
N MET B 153 2.25 19.68 1.61
CA MET B 153 3.42 18.82 1.72
C MET B 153 3.96 18.39 0.35
N ALA B 154 3.08 18.11 -0.60
CA ALA B 154 3.54 17.74 -1.93
C ALA B 154 4.33 18.88 -2.56
N LYS B 155 3.82 20.11 -2.40
CA LYS B 155 4.49 21.30 -2.88
C LYS B 155 5.85 21.44 -2.19
N LYS B 156 5.87 21.24 -0.88
CA LYS B 156 7.09 21.37 -0.09
C LYS B 156 8.16 20.40 -0.58
N LEU B 157 7.71 19.17 -0.84
CA LEU B 157 8.61 18.06 -1.18
C LEU B 157 9.02 18.06 -2.65
N LYS B 158 8.33 18.86 -3.45
CA LYS B 158 8.58 18.93 -4.88
C LYS B 158 8.46 17.57 -5.56
N VAL B 159 7.39 16.83 -5.22
CA VAL B 159 7.08 15.62 -5.96
C VAL B 159 6.64 15.99 -7.39
N ASP B 160 6.56 15.00 -8.25
CA ASP B 160 6.34 15.28 -9.68
C ASP B 160 4.88 15.59 -9.99
N ALA B 161 3.98 14.97 -9.25
CA ALA B 161 2.56 15.13 -9.49
C ALA B 161 1.83 14.63 -8.25
N ILE B 162 0.52 14.88 -8.19
CA ILE B 162 -0.30 14.36 -7.11
C ILE B 162 -1.52 13.67 -7.70
N VAL B 163 -2.12 12.79 -6.91
CA VAL B 163 -3.41 12.19 -7.27
C VAL B 163 -4.48 12.97 -6.53
N ALA B 164 -5.51 13.43 -7.26
CA ALA B 164 -6.61 14.17 -6.66
C ALA B 164 -7.89 13.77 -7.41
N PRO B 165 -9.06 13.89 -6.75
CA PRO B 165 -10.23 13.13 -7.21
C PRO B 165 -11.14 13.80 -8.27
N SER B 166 -11.47 13.06 -9.32
CA SER B 166 -12.43 13.52 -10.33
C SER B 166 -13.85 13.61 -9.79
N THR B 167 -14.13 12.84 -8.76
CA THR B 167 -15.47 12.74 -8.24
C THR B 167 -15.87 13.98 -7.46
N ARG B 168 -14.89 14.80 -7.06
CA ARG B 168 -15.21 16.05 -6.36
C ARG B 168 -14.50 17.21 -7.05
N PRO B 169 -15.10 17.73 -8.13
CA PRO B 169 -14.43 18.77 -8.92
C PRO B 169 -13.97 19.97 -8.11
N GLU B 170 -14.76 20.42 -7.14
CA GLU B 170 -14.36 21.58 -6.34
C GLU B 170 -13.10 21.31 -5.51
N ARG B 171 -12.99 20.10 -4.98
CA ARG B 171 -11.80 19.70 -4.23
C ARG B 171 -10.60 19.53 -5.16
N LEU B 172 -10.84 18.96 -6.33
CA LEU B 172 -9.78 18.80 -7.33
C LEU B 172 -9.17 20.17 -7.65
N LYS B 173 -10.02 21.16 -7.89
CA LYS B 173 -9.55 22.51 -8.16
C LYS B 173 -8.76 23.06 -6.98
N GLU B 174 -9.31 22.92 -5.77
CA GLU B 174 -8.69 23.47 -4.58
C GLU B 174 -7.34 22.83 -4.33
N ILE B 175 -7.30 21.51 -4.44
CA ILE B 175 -6.07 20.75 -4.21
C ILE B 175 -5.00 21.13 -5.23
N LYS B 176 -5.40 21.21 -6.50
CA LYS B 176 -4.45 21.55 -7.54
C LYS B 176 -3.87 22.94 -7.32
N GLU B 177 -4.70 23.89 -6.90
CA GLU B 177 -4.23 25.25 -6.72
C GLU B 177 -3.35 25.42 -5.48
N ILE B 178 -3.51 24.56 -4.49
CA ILE B 178 -2.61 24.58 -3.33
C ILE B 178 -1.24 23.99 -3.67
N ALA B 179 -1.25 22.85 -4.36
CA ALA B 179 -0.01 22.14 -4.66
C ALA B 179 0.79 22.83 -5.75
N GLU B 180 0.08 23.42 -6.72
CA GLU B 180 0.70 24.00 -7.91
C GLU B 180 1.53 22.96 -8.64
N LEU B 181 1.01 21.74 -8.69
CA LEU B 181 1.68 20.60 -9.32
C LEU B 181 0.71 19.96 -10.31
N PRO B 182 1.25 19.19 -11.29
CA PRO B 182 0.36 18.46 -12.19
C PRO B 182 -0.44 17.41 -11.44
N VAL B 183 -1.61 17.07 -11.93
CA VAL B 183 -2.40 16.06 -11.24
C VAL B 183 -2.65 14.87 -12.16
N ILE B 184 -2.79 13.70 -11.55
CA ILE B 184 -3.43 12.59 -12.23
C ILE B 184 -4.72 12.33 -11.47
N THR B 185 -5.84 12.25 -12.18
CA THR B 185 -7.12 12.25 -11.50
C THR B 185 -8.05 11.11 -11.89
N PRO B 186 -8.40 10.26 -10.92
CA PRO B 186 -9.27 9.11 -11.12
C PRO B 186 -10.70 9.37 -10.67
N GLY B 187 -11.62 8.57 -11.17
CA GLY B 187 -13.01 8.69 -10.77
C GLY B 187 -14.00 8.80 -11.91
N VAL B 188 -13.51 9.13 -13.10
CA VAL B 188 -14.41 9.22 -14.25
C VAL B 188 -14.87 7.84 -14.71
N GLY B 189 -16.16 7.70 -15.00
CA GLY B 189 -16.70 6.46 -15.50
C GLY B 189 -17.33 5.61 -14.41
N ALA B 190 -16.63 4.53 -14.02
CA ALA B 190 -17.19 3.58 -13.06
C ALA B 190 -17.59 4.22 -11.74
N GLN B 191 -16.79 5.19 -11.28
CA GLN B 191 -17.04 5.83 -10.00
C GLN B 191 -18.01 7.01 -10.10
N GLY B 192 -18.48 7.31 -11.32
CA GLY B 192 -19.51 8.30 -11.49
C GLY B 192 -19.05 9.69 -11.86
N GLY B 193 -17.74 9.90 -11.86
CA GLY B 193 -17.18 11.18 -12.28
C GLY B 193 -17.43 11.39 -13.75
N LYS B 194 -17.50 12.65 -14.17
CA LYS B 194 -17.74 12.96 -15.57
C LYS B 194 -16.69 13.95 -16.07
N ILE B 195 -16.15 13.69 -17.27
CA ILE B 195 -15.13 14.56 -17.87
C ILE B 195 -15.55 16.03 -17.91
N GLU B 196 -16.80 16.29 -18.30
CA GLU B 196 -17.25 17.67 -18.50
C GLU B 196 -17.14 18.49 -17.23
N ASP B 197 -17.16 17.81 -16.09
CA ASP B 197 -17.18 18.50 -14.81
C ASP B 197 -15.79 18.87 -14.32
N ILE B 198 -14.75 18.27 -14.93
CA ILE B 198 -13.38 18.55 -14.50
C ILE B 198 -12.53 19.17 -15.60
N LEU B 199 -13.03 19.12 -16.84
CA LEU B 199 -12.23 19.52 -18.00
C LEU B 199 -11.67 20.94 -17.87
N ASN B 200 -12.49 21.86 -17.38
CA ASN B 200 -12.07 23.25 -17.21
C ASN B 200 -10.96 23.44 -16.18
N ILE B 201 -10.76 22.45 -15.32
CA ILE B 201 -9.77 22.53 -14.26
C ILE B 201 -8.41 22.06 -14.75
N LEU B 202 -8.41 21.20 -15.76
CA LEU B 202 -7.18 20.52 -16.18
C LEU B 202 -6.46 21.22 -17.33
N ASP B 203 -5.15 20.98 -17.43
CA ASP B 203 -4.39 21.42 -18.59
C ASP B 203 -3.57 20.27 -19.18
N GLU B 204 -2.71 20.60 -20.14
CA GLU B 204 -1.98 19.57 -20.88
C GLU B 204 -0.97 18.78 -20.04
N ASN B 205 -0.68 19.25 -18.82
CA ASN B 205 0.25 18.57 -17.93
C ASN B 205 -0.44 17.58 -17.00
N ASP B 206 -1.77 17.57 -17.06
CA ASP B 206 -2.57 16.68 -16.23
C ASP B 206 -2.98 15.41 -16.98
N TYR B 207 -3.25 14.35 -16.23
CA TYR B 207 -3.80 13.13 -16.79
C TYR B 207 -5.14 12.81 -16.17
N VAL B 208 -6.09 12.41 -17.01
CA VAL B 208 -7.33 11.82 -16.52
C VAL B 208 -7.14 10.31 -16.52
N ILE B 209 -7.33 9.69 -15.36
CA ILE B 209 -7.20 8.25 -15.21
C ILE B 209 -8.54 7.58 -15.52
N VAL B 210 -8.53 6.60 -16.41
CA VAL B 210 -9.73 5.81 -16.67
C VAL B 210 -9.35 4.34 -16.65
N GLY B 211 -10.08 3.56 -15.87
CA GLY B 211 -9.84 2.13 -15.79
C GLY B 211 -10.98 1.33 -16.40
N ARG B 212 -11.92 0.92 -15.55
CA ARG B 212 -13.01 0.04 -15.93
C ARG B 212 -13.79 0.44 -17.17
N ALA B 213 -14.07 1.72 -17.31
CA ALA B 213 -14.84 2.20 -18.46
C ALA B 213 -14.17 1.84 -19.77
N ILE B 214 -12.84 1.69 -19.73
CA ILE B 214 -12.11 1.23 -20.88
C ILE B 214 -11.87 -0.28 -20.85
N TYR B 215 -11.28 -0.80 -19.78
CA TYR B 215 -10.89 -2.22 -19.81
C TYR B 215 -12.00 -3.25 -19.70
N GLN B 216 -13.19 -2.85 -19.22
CA GLN B 216 -14.31 -3.79 -19.12
C GLN B 216 -15.21 -3.76 -20.35
N SER B 217 -14.89 -2.89 -21.30
CA SER B 217 -15.70 -2.77 -22.50
C SER B 217 -15.39 -3.87 -23.50
N GLN B 218 -16.34 -4.16 -24.38
CA GLN B 218 -16.16 -5.15 -25.43
C GLN B 218 -15.24 -4.61 -26.52
N ASN B 219 -15.13 -3.29 -26.59
CA ASN B 219 -14.22 -2.67 -27.54
C ASN B 219 -13.37 -1.58 -26.87
N PRO B 220 -12.31 -1.99 -26.17
CA PRO B 220 -11.49 -1.03 -25.43
C PRO B 220 -10.86 0.03 -26.34
N LYS B 221 -10.54 -0.34 -27.57
CA LYS B 221 -9.96 0.62 -28.51
C LYS B 221 -10.92 1.78 -28.72
N GLU B 222 -12.16 1.45 -29.04
CA GLU B 222 -13.20 2.45 -29.28
C GLU B 222 -13.43 3.33 -28.04
N GLU B 223 -13.46 2.72 -26.86
CA GLU B 223 -13.70 3.48 -25.64
C GLU B 223 -12.53 4.40 -25.31
N ALA B 224 -11.32 3.93 -25.54
CA ALA B 224 -10.13 4.74 -25.33
C ALA B 224 -10.15 5.92 -26.29
N LYS B 225 -10.55 5.66 -27.53
CA LYS B 225 -10.71 6.72 -28.53
C LYS B 225 -11.72 7.76 -28.05
N LYS B 226 -12.88 7.29 -27.60
CA LYS B 226 -13.94 8.16 -27.12
C LYS B 226 -13.45 9.03 -25.97
N TYR B 227 -12.76 8.41 -25.02
CA TYR B 227 -12.26 9.14 -23.86
C TYR B 227 -11.17 10.14 -24.25
N LYS B 228 -10.31 9.76 -25.18
CA LYS B 228 -9.27 10.66 -25.65
C LYS B 228 -9.90 11.88 -26.31
N GLU B 229 -10.91 11.64 -27.14
CA GLU B 229 -11.62 12.72 -27.84
C GLU B 229 -12.38 13.62 -26.87
N MET B 230 -12.85 13.05 -25.77
CA MET B 230 -13.54 13.80 -24.72
C MET B 230 -12.64 14.81 -24.01
N LEU B 231 -11.34 14.59 -24.09
CA LEU B 231 -10.37 15.47 -23.45
C LEU B 231 -10.04 16.68 -24.31
N ASN B 232 -10.56 16.69 -25.54
CA ASN B 232 -10.42 17.86 -26.41
C ASN B 232 -11.20 19.02 -25.81
N LYS B 233 -10.50 20.12 -25.57
CA LYS B 233 -10.93 21.10 -24.59
C LYS B 233 -10.84 22.49 -25.19
P BMP C . 11.89 -3.94 11.71
OP1 BMP C . 11.81 -2.49 11.99
OP2 BMP C . 13.06 -4.44 10.73
OP3 BMP C . 11.98 -4.75 13.09
O5' BMP C . 10.58 -4.40 10.93
C5' BMP C . 9.30 -3.86 11.23
C4' BMP C . 8.27 -4.37 10.25
O4' BMP C . 6.96 -3.88 10.61
C3' BMP C . 8.51 -3.90 8.80
O3' BMP C . 8.04 -4.92 7.92
C2' BMP C . 7.63 -2.67 8.69
O2' BMP C . 7.22 -2.39 7.36
C1' BMP C . 6.44 -3.05 9.58
N1 BMP C . 5.77 -1.91 10.24
C2 BMP C . 6.45 -1.01 10.99
O2 BMP C . 7.67 -1.06 11.15
N3 BMP C . 5.78 -0.03 11.60
C4 BMP C . 4.44 0.10 11.53
O4 BMP C . 3.88 1.01 12.12
C5 BMP C . 3.72 -0.82 10.76
C6 BMP C . 4.40 -1.83 10.15
O1 BMP C . 3.75 -2.77 9.44
P BMP D . -11.61 3.11 -12.44
OP1 BMP D . -12.42 3.57 -11.28
OP2 BMP D . -11.84 1.61 -12.95
OP3 BMP D . -11.76 4.12 -13.67
O5' BMP D . -10.07 3.10 -12.02
C5' BMP D . -9.53 4.06 -11.14
C4' BMP D . -8.11 3.72 -10.82
O4' BMP D . -7.50 4.78 -10.04
C3' BMP D . -7.94 2.44 -10.00
O3' BMP D . -6.70 1.82 -10.35
C2' BMP D . -7.86 2.96 -8.56
O2' BMP D . -7.18 2.09 -7.68
C1' BMP D . -7.13 4.29 -8.76
N1 BMP D . -7.47 5.34 -7.79
C2 BMP D . -8.75 5.73 -7.57
O2 BMP D . -9.71 5.21 -8.13
N3 BMP D . -9.02 6.72 -6.70
C4 BMP D . -8.04 7.37 -6.05
O4 BMP D . -8.34 8.27 -5.28
C5 BMP D . -6.70 7.00 -6.25
C6 BMP D . -6.45 5.99 -7.14
O1 BMP D . -5.18 5.63 -7.40
#